data_6HLD
#
_entry.id   6HLD
#
_cell.length_a   133.395
_cell.length_b   133.395
_cell.length_c   157.375
_cell.angle_alpha   90.00
_cell.angle_beta   90.00
_cell.angle_gamma   120.00
#
_symmetry.space_group_name_H-M   'P 65 2 2'
#
loop_
_entity.id
_entity.type
_entity.pdbx_description
1 polymer Furin
2 polymer ALN-ARG-ARG-ARG-SLL-LYS-00S
3 non-polymer 'CALCIUM ION'
4 non-polymer 'SODIUM ION'
5 non-polymer 'CHLORIDE ION'
6 non-polymer 'PHOSPHATE ION'
7 non-polymer 'DIMETHYL SULFOXIDE'
8 water water
#
loop_
_entity_poly.entity_id
_entity_poly.type
_entity_poly.pdbx_seq_one_letter_code
_entity_poly.pdbx_strand_id
1 'polypeptide(L)'
;DVYQEPTDPKFPQQWYLSGVTQRDLNVKAAWAQGYTGHGIVVSILDDGIEKNHPDLAGNYDPGASFDVNDQDPDPQPRYT
QMNDNRHGTRCAGEVAAVANNGVCGVGVAYNARIGGVRMLDGEVTDAVEARSLGLNPNHIHIYSASWGPEDDGKTVDGPA
RLAEEAFFRGVSQGRGGLGSIFVWASGNGGREHDSCNCDGYTNSIYTLSISSATQFGNVPWYSEACSSTLATTYSSGNQN
EKQIVTTDLRQKCTESHTGTSASAPLAAGIIALTLEANKNLTWRDMQHLVVQTSKPAHLNANDWATNGVGRKVSHSYGYG
LLDAGAMVALAQNWTTVAPQRKCIIDILTEPKDIGKRLEVRKTVTACLGEPNHITRLEHAQARLTLSYNRRGDLAIHLVS
PMGTRSTLLAARPHDYSADGFNDWAFMTTHSWDEDPSGEWVLEIENTSEANNYGTLTKFTLVLYGTASGSLVPRGSHHHH
HH
;
A
2 'polypeptide(L)' (ALN)RRR(SLL)K(00S) B
#
# COMPACT_ATOMS: atom_id res chain seq x y z
N VAL A 2 23.77 -18.49 -18.73
CA VAL A 2 23.96 -17.82 -17.46
C VAL A 2 23.48 -16.37 -17.58
N TYR A 3 22.73 -15.91 -16.58
CA TYR A 3 22.23 -14.54 -16.61
C TYR A 3 23.38 -13.54 -16.43
N GLN A 4 23.36 -12.49 -17.24
CA GLN A 4 24.33 -11.40 -17.16
C GLN A 4 23.65 -10.18 -16.53
N GLU A 5 24.20 -9.69 -15.42
CA GLU A 5 23.61 -8.57 -14.72
C GLU A 5 23.90 -7.26 -15.46
N PRO A 6 23.08 -6.22 -15.24
CA PRO A 6 23.22 -4.99 -16.04
C PRO A 6 24.57 -4.30 -15.85
N THR A 7 24.96 -3.55 -16.87
CA THR A 7 26.24 -2.85 -16.91
C THR A 7 26.09 -1.33 -16.75
N ASP A 8 24.88 -0.85 -16.48
CA ASP A 8 24.65 0.59 -16.36
C ASP A 8 25.57 1.20 -15.31
N PRO A 9 26.01 2.45 -15.51
CA PRO A 9 27.08 3.02 -14.67
C PRO A 9 26.70 3.18 -13.20
N LYS A 10 25.43 3.37 -12.86
CA LYS A 10 25.02 3.53 -11.47
C LYS A 10 24.41 2.28 -10.88
N PHE A 11 24.32 1.19 -11.64
CA PHE A 11 23.79 -0.06 -11.08
C PHE A 11 24.54 -0.55 -9.84
N PRO A 12 25.88 -0.43 -9.75
CA PRO A 12 26.55 -0.83 -8.51
C PRO A 12 26.08 -0.07 -7.27
N GLN A 13 25.47 1.11 -7.44
CA GLN A 13 24.96 1.87 -6.30
C GLN A 13 23.53 1.50 -5.92
N GLN A 14 22.87 0.59 -6.66
CA GLN A 14 21.49 0.20 -6.34
C GLN A 14 21.51 -0.97 -5.36
N TRP A 15 21.93 -0.64 -4.14
CA TRP A 15 22.16 -1.62 -3.09
C TRP A 15 20.90 -2.43 -2.75
N TYR A 16 19.71 -1.86 -2.99
CA TYR A 16 18.45 -2.49 -2.58
C TYR A 16 17.98 -3.57 -3.57
N LEU A 17 18.59 -3.68 -4.74
CA LEU A 17 18.16 -4.65 -5.74
C LEU A 17 18.79 -6.02 -5.55
N SER A 18 20.08 -6.07 -5.18
CA SER A 18 20.78 -7.34 -5.02
C SER A 18 22.07 -7.11 -4.24
N GLY A 19 22.67 -8.20 -3.80
CA GLY A 19 23.96 -8.16 -3.16
C GLY A 19 24.22 -9.41 -2.37
N VAL A 20 25.50 -9.57 -1.99
CA VAL A 20 25.89 -10.71 -1.15
C VAL A 20 25.36 -10.57 0.27
N THR A 21 24.98 -9.36 0.69
CA THR A 21 24.75 -9.06 2.10
C THR A 21 23.43 -9.64 2.64
N GLN A 22 22.42 -9.80 1.80
CA GLN A 22 21.02 -10.20 2.10
C GLN A 22 20.14 -9.01 2.51
N ARG A 23 20.68 -7.79 2.58
CA ARG A 23 19.86 -6.60 2.78
C ARG A 23 19.40 -6.06 1.43
N ASP A 24 18.55 -6.84 0.75
CA ASP A 24 18.01 -6.42 -0.53
C ASP A 24 16.66 -7.08 -0.76
N LEU A 25 16.03 -6.71 -1.88
CA LEU A 25 14.70 -7.18 -2.28
C LEU A 25 14.77 -8.40 -3.19
N ASN A 26 15.96 -8.97 -3.39
CA ASN A 26 16.11 -10.24 -4.11
C ASN A 26 15.57 -10.14 -5.54
N VAL A 27 15.89 -9.04 -6.21
CA VAL A 27 15.36 -8.81 -7.55
C VAL A 27 16.18 -9.54 -8.61
N LYS A 28 17.50 -9.65 -8.42
CA LYS A 28 18.31 -10.35 -9.41
C LYS A 28 17.88 -11.81 -9.54
N ALA A 29 17.48 -12.42 -8.43
CA ALA A 29 16.98 -13.79 -8.49
C ALA A 29 15.77 -13.93 -9.43
N ALA A 30 14.92 -12.90 -9.52
CA ALA A 30 13.80 -12.97 -10.45
C ALA A 30 14.25 -12.73 -11.89
N TRP A 31 15.22 -11.84 -12.09
CA TRP A 31 15.79 -11.63 -13.43
C TRP A 31 16.39 -12.93 -13.97
N ALA A 32 17.11 -13.67 -13.14
CA ALA A 32 17.73 -14.92 -13.55
C ALA A 32 16.72 -16.02 -13.86
N GLN A 33 15.52 -15.97 -13.28
CA GLN A 33 14.46 -16.89 -13.70
C GLN A 33 13.83 -16.48 -15.03
N GLY A 34 14.22 -15.34 -15.59
CA GLY A 34 13.72 -14.92 -16.89
C GLY A 34 12.67 -13.81 -16.90
N TYR A 35 12.40 -13.17 -15.76
CA TYR A 35 11.33 -12.19 -15.66
C TYR A 35 11.91 -10.79 -15.50
N THR A 36 11.64 -9.93 -16.49
CA THR A 36 12.10 -8.56 -16.49
C THR A 36 10.97 -7.56 -16.73
N GLY A 37 9.73 -8.02 -16.88
CA GLY A 37 8.58 -7.14 -17.03
C GLY A 37 8.02 -7.04 -18.43
N HIS A 38 8.55 -7.81 -19.38
N HIS A 38 8.55 -7.81 -19.38
CA HIS A 38 8.08 -7.73 -20.76
CA HIS A 38 8.08 -7.79 -20.77
C HIS A 38 6.58 -7.97 -20.83
C HIS A 38 6.57 -7.97 -20.81
N GLY A 39 5.88 -7.04 -21.49
CA GLY A 39 4.45 -7.17 -21.70
C GLY A 39 3.55 -6.58 -20.63
N ILE A 40 4.11 -6.03 -19.54
CA ILE A 40 3.32 -5.44 -18.46
C ILE A 40 3.36 -3.92 -18.55
N VAL A 41 2.29 -3.27 -18.12
CA VAL A 41 2.06 -1.83 -18.28
C VAL A 41 1.81 -1.23 -16.89
N VAL A 42 2.62 -0.24 -16.51
CA VAL A 42 2.52 0.46 -15.23
C VAL A 42 2.35 1.94 -15.48
N SER A 43 1.47 2.58 -14.70
CA SER A 43 1.25 4.03 -14.80
C SER A 43 1.53 4.73 -13.46
N ILE A 44 2.24 5.85 -13.52
CA ILE A 44 2.60 6.66 -12.36
C ILE A 44 1.61 7.82 -12.28
N LEU A 45 0.76 7.84 -11.25
CA LEU A 45 -0.18 8.95 -11.05
C LEU A 45 0.53 10.01 -10.21
N ASP A 46 0.93 11.11 -10.85
CA ASP A 46 1.77 12.06 -10.13
C ASP A 46 1.75 13.41 -10.83
N ASP A 47 2.89 14.10 -10.89
CA ASP A 47 2.99 15.45 -11.45
C ASP A 47 3.50 15.46 -12.89
N GLY A 48 3.46 14.32 -13.57
CA GLY A 48 3.93 14.21 -14.93
C GLY A 48 5.13 13.28 -15.05
N ILE A 49 5.50 13.01 -16.30
CA ILE A 49 6.63 12.12 -16.61
C ILE A 49 7.41 12.68 -17.80
N GLU A 50 8.73 12.75 -17.66
CA GLU A 50 9.59 13.25 -18.74
C GLU A 50 9.76 12.13 -19.78
N LYS A 51 8.89 12.13 -20.79
CA LYS A 51 8.79 10.98 -21.68
C LYS A 51 9.97 10.85 -22.63
N ASN A 52 10.77 11.89 -22.77
CA ASN A 52 11.96 11.88 -23.62
C ASN A 52 13.25 11.71 -22.82
N HIS A 53 13.16 11.31 -21.55
CA HIS A 53 14.36 11.06 -20.75
C HIS A 53 15.15 9.91 -21.36
N PRO A 54 16.48 10.02 -21.47
CA PRO A 54 17.26 8.95 -22.11
C PRO A 54 17.16 7.59 -21.42
N ASP A 55 16.80 7.53 -20.13
CA ASP A 55 16.62 6.24 -19.49
C ASP A 55 15.14 5.82 -19.40
N LEU A 56 14.21 6.63 -19.92
CA LEU A 56 12.81 6.22 -19.99
C LEU A 56 12.25 6.09 -21.39
N ALA A 57 12.86 6.71 -22.40
CA ALA A 57 12.21 6.85 -23.71
C ALA A 57 11.92 5.49 -24.35
N GLY A 58 12.83 4.53 -24.18
CA GLY A 58 12.67 3.24 -24.82
C GLY A 58 11.56 2.37 -24.26
N ASN A 59 11.07 2.68 -23.06
CA ASN A 59 9.96 1.95 -22.45
C ASN A 59 8.68 2.77 -22.37
N TYR A 60 8.69 4.02 -22.84
CA TYR A 60 7.54 4.89 -22.64
C TYR A 60 6.34 4.41 -23.45
N ASP A 61 5.16 4.48 -22.85
CA ASP A 61 3.92 4.00 -23.46
C ASP A 61 2.86 5.10 -23.39
N PRO A 62 2.53 5.74 -24.51
CA PRO A 62 1.48 6.78 -24.47
C PRO A 62 0.09 6.24 -24.12
N GLY A 63 -0.19 4.97 -24.36
CA GLY A 63 -1.47 4.41 -23.93
C GLY A 63 -1.64 4.32 -22.42
N ALA A 64 -0.57 4.50 -21.66
CA ALA A 64 -0.61 4.50 -20.21
C ALA A 64 -0.53 5.91 -19.61
N SER A 65 -0.81 6.94 -20.41
CA SER A 65 -0.51 8.31 -20.02
C SER A 65 -1.68 9.24 -20.38
N PHE A 66 -1.79 10.33 -19.63
CA PHE A 66 -2.75 11.39 -19.91
C PHE A 66 -2.41 12.57 -19.02
N ASP A 67 -2.86 13.76 -19.42
CA ASP A 67 -2.69 14.99 -18.63
C ASP A 67 -4.08 15.42 -18.19
N VAL A 68 -4.42 15.11 -16.93
CA VAL A 68 -5.73 15.45 -16.39
C VAL A 68 -5.80 16.92 -15.99
N ASN A 69 -4.66 17.50 -15.59
CA ASN A 69 -4.66 18.89 -15.12
C ASN A 69 -4.97 19.87 -16.25
N ASP A 70 -4.45 19.63 -17.46
CA ASP A 70 -4.67 20.52 -18.58
C ASP A 70 -5.55 19.91 -19.67
N GLN A 71 -6.02 18.67 -19.46
CA GLN A 71 -6.96 18.01 -20.37
C GLN A 71 -6.38 17.89 -21.79
N ASP A 72 -5.31 17.10 -21.88
CA ASP A 72 -4.69 16.76 -23.14
C ASP A 72 -3.96 15.43 -22.94
N PRO A 73 -3.50 14.79 -24.02
CA PRO A 73 -2.88 13.46 -23.84
C PRO A 73 -1.41 13.46 -23.44
N ASP A 74 -0.73 14.62 -23.41
CA ASP A 74 0.72 14.67 -23.23
C ASP A 74 1.08 14.96 -21.78
N PRO A 75 1.70 14.02 -21.04
CA PRO A 75 1.95 14.24 -19.62
C PRO A 75 3.25 14.96 -19.26
N GLN A 76 3.88 15.65 -20.21
CA GLN A 76 5.18 16.28 -19.93
C GLN A 76 5.06 17.21 -18.72
N PRO A 77 6.02 17.18 -17.80
CA PRO A 77 5.94 18.07 -16.62
C PRO A 77 6.18 19.53 -16.97
N ARG A 78 5.72 20.41 -16.08
CA ARG A 78 5.88 21.85 -16.21
C ARG A 78 7.20 22.28 -15.59
N TYR A 79 8.10 22.88 -16.39
CA TYR A 79 9.45 23.17 -15.92
C TYR A 79 9.49 24.51 -15.17
N THR A 80 10.16 24.50 -14.02
CA THR A 80 10.28 25.68 -13.16
C THR A 80 11.70 25.76 -12.62
N GLN A 81 12.03 26.92 -12.03
CA GLN A 81 13.39 27.17 -11.56
C GLN A 81 13.77 26.23 -10.42
N MET A 82 12.83 25.88 -9.55
CA MET A 82 13.16 24.98 -8.46
C MET A 82 12.91 23.51 -8.79
N ASN A 83 12.56 23.19 -10.04
CA ASN A 83 12.32 21.82 -10.47
C ASN A 83 11.27 21.14 -9.57
N ASP A 84 10.15 21.83 -9.38
CA ASP A 84 9.09 21.34 -8.50
C ASP A 84 8.46 20.06 -9.03
N ASN A 85 8.32 19.95 -10.35
CA ASN A 85 7.59 18.83 -10.95
C ASN A 85 8.50 17.66 -11.33
N ARG A 86 9.45 17.31 -10.46
CA ARG A 86 10.36 16.20 -10.67
C ARG A 86 9.86 14.89 -10.06
N HIS A 87 8.80 14.93 -9.26
CA HIS A 87 8.43 13.81 -8.39
C HIS A 87 8.06 12.58 -9.22
N GLY A 88 7.20 12.77 -10.24
CA GLY A 88 6.74 11.63 -11.03
C GLY A 88 7.84 10.98 -11.86
N THR A 89 8.73 11.79 -12.44
CA THR A 89 9.87 11.26 -13.19
C THR A 89 10.76 10.37 -12.31
N ARG A 90 11.06 10.82 -11.09
CA ARG A 90 11.82 9.97 -10.17
C ARG A 90 11.08 8.64 -9.88
N CYS A 91 9.77 8.69 -9.67
CA CYS A 91 9.03 7.45 -9.39
C CYS A 91 9.06 6.50 -10.57
N ALA A 92 8.93 7.01 -11.79
CA ALA A 92 8.85 6.16 -12.98
C ALA A 92 10.15 5.39 -13.20
N GLY A 93 11.31 6.02 -12.94
CA GLY A 93 12.58 5.36 -13.17
C GLY A 93 12.85 4.20 -12.23
N GLU A 94 12.31 4.26 -11.01
CA GLU A 94 12.41 3.12 -10.11
C GLU A 94 11.73 1.89 -10.69
N VAL A 95 10.61 2.07 -11.41
CA VAL A 95 9.87 0.95 -11.96
C VAL A 95 10.57 0.41 -13.21
N ALA A 96 10.95 1.29 -14.15
CA ALA A 96 11.20 0.84 -15.51
C ALA A 96 12.31 1.59 -16.24
N ALA A 97 13.33 2.06 -15.53
CA ALA A 97 14.46 2.65 -16.25
C ALA A 97 15.14 1.60 -17.11
N VAL A 98 15.51 2.00 -18.34
CA VAL A 98 16.08 1.07 -19.33
C VAL A 98 17.41 0.51 -18.83
N ALA A 99 17.69 -0.75 -19.18
CA ALA A 99 18.93 -1.40 -18.77
C ALA A 99 19.93 -1.48 -19.93
N ASN A 100 21.22 -1.60 -19.55
CA ASN A 100 22.32 -1.86 -20.49
C ASN A 100 22.38 -0.82 -21.62
N ASN A 101 22.22 0.45 -21.26
CA ASN A 101 22.26 1.52 -22.25
C ASN A 101 23.26 2.62 -21.85
N GLY A 102 24.18 2.31 -20.93
CA GLY A 102 25.18 3.28 -20.52
C GLY A 102 24.65 4.52 -19.84
N VAL A 103 23.43 4.49 -19.27
CA VAL A 103 22.81 5.67 -18.66
C VAL A 103 22.24 5.30 -17.30
N CYS A 104 22.65 6.05 -16.27
CA CYS A 104 22.10 5.99 -14.89
C CYS A 104 22.05 4.54 -14.42
N GLY A 105 20.93 4.08 -13.86
CA GLY A 105 20.82 2.71 -13.37
C GLY A 105 19.76 1.90 -14.11
N VAL A 106 18.98 1.04 -13.42
CA VAL A 106 17.94 0.24 -14.06
C VAL A 106 16.69 0.21 -13.17
N GLY A 107 15.53 0.02 -13.81
CA GLY A 107 14.31 -0.22 -13.07
C GLY A 107 14.22 -1.64 -12.54
N VAL A 108 13.31 -1.85 -11.59
CA VAL A 108 13.01 -3.21 -11.14
C VAL A 108 12.50 -4.05 -12.29
N ALA A 109 11.64 -3.48 -13.12
CA ALA A 109 11.07 -4.18 -14.28
C ALA A 109 11.52 -3.48 -15.55
N TYR A 110 12.81 -3.64 -15.91
CA TYR A 110 13.43 -2.76 -16.90
C TYR A 110 13.01 -3.03 -18.34
N ASN A 111 12.18 -4.03 -18.60
CA ASN A 111 11.59 -4.25 -19.92
C ASN A 111 10.07 -4.03 -19.93
N ALA A 112 9.51 -3.50 -18.84
CA ALA A 112 8.09 -3.20 -18.81
C ALA A 112 7.81 -1.87 -19.52
N ARG A 113 6.54 -1.65 -19.86
CA ARG A 113 6.12 -0.37 -20.43
C ARG A 113 5.61 0.54 -19.33
N ILE A 114 5.98 1.83 -19.43
CA ILE A 114 5.77 2.80 -18.35
C ILE A 114 5.10 4.06 -18.90
N GLY A 115 4.11 4.59 -18.14
CA GLY A 115 3.47 5.84 -18.47
C GLY A 115 3.23 6.69 -17.24
N GLY A 116 2.62 7.84 -17.44
CA GLY A 116 2.34 8.74 -16.33
C GLY A 116 1.06 9.51 -16.56
N VAL A 117 0.33 9.76 -15.47
CA VAL A 117 -0.83 10.65 -15.48
C VAL A 117 -0.42 11.93 -14.76
N ARG A 118 -0.47 13.06 -15.48
CA ARG A 118 -0.20 14.36 -14.87
C ARG A 118 -1.48 14.81 -14.17
N MET A 119 -1.53 14.70 -12.84
CA MET A 119 -2.74 15.07 -12.12
C MET A 119 -2.52 15.79 -10.79
N LEU A 120 -1.30 15.88 -10.26
CA LEU A 120 -1.04 16.63 -9.04
C LEU A 120 -0.74 18.12 -9.26
N ASP A 121 -0.48 18.56 -10.50
CA ASP A 121 -0.05 19.94 -10.74
C ASP A 121 -1.27 20.82 -11.03
N GLY A 122 -2.04 21.05 -9.98
CA GLY A 122 -3.32 21.72 -10.07
C GLY A 122 -4.17 21.33 -8.88
N GLU A 123 -5.42 21.77 -8.91
CA GLU A 123 -6.34 21.42 -7.83
C GLU A 123 -6.77 19.96 -7.97
N VAL A 124 -6.55 19.16 -6.93
CA VAL A 124 -6.81 17.72 -6.97
C VAL A 124 -8.20 17.50 -6.37
N THR A 125 -9.21 17.53 -7.23
CA THR A 125 -10.59 17.29 -6.85
C THR A 125 -10.88 15.79 -6.84
N ASP A 126 -12.07 15.44 -6.33
CA ASP A 126 -12.57 14.07 -6.43
C ASP A 126 -12.67 13.63 -7.89
N ALA A 127 -13.21 14.50 -8.76
CA ALA A 127 -13.26 14.19 -10.18
C ALA A 127 -11.87 13.93 -10.78
N VAL A 128 -10.86 14.70 -10.36
CA VAL A 128 -9.50 14.52 -10.91
C VAL A 128 -8.94 13.15 -10.53
N GLU A 129 -9.11 12.75 -9.26
CA GLU A 129 -8.67 11.42 -8.82
C GLU A 129 -9.37 10.32 -9.60
N ALA A 130 -10.69 10.43 -9.76
CA ALA A 130 -11.46 9.38 -10.41
C ALA A 130 -11.03 9.18 -11.87
N ARG A 131 -10.79 10.27 -12.59
N ARG A 131 -10.78 10.26 -12.60
CA ARG A 131 -10.39 10.14 -14.00
CA ARG A 131 -10.40 10.10 -13.99
C ARG A 131 -9.01 9.50 -14.13
C ARG A 131 -9.00 9.53 -14.14
N SER A 132 -8.15 9.67 -13.11
CA SER A 132 -6.80 9.10 -13.15
C SER A 132 -6.80 7.62 -12.78
N LEU A 133 -7.52 7.25 -11.72
CA LEU A 133 -7.62 5.85 -11.30
C LEU A 133 -8.36 5.00 -12.33
N GLY A 134 -9.27 5.59 -13.10
CA GLY A 134 -10.00 4.84 -14.10
C GLY A 134 -9.50 5.00 -15.52
N LEU A 135 -8.24 5.44 -15.70
CA LEU A 135 -7.69 5.64 -17.05
C LEU A 135 -7.37 4.30 -17.72
N ASN A 136 -7.95 4.09 -18.90
CA ASN A 136 -7.61 3.01 -19.82
C ASN A 136 -7.44 1.67 -19.09
N PRO A 137 -8.48 1.19 -18.38
CA PRO A 137 -8.28 0.08 -17.44
C PRO A 137 -8.16 -1.30 -18.09
N ASN A 138 -8.39 -1.42 -19.40
CA ASN A 138 -8.12 -2.66 -20.10
C ASN A 138 -6.75 -2.66 -20.77
N HIS A 139 -5.95 -1.61 -20.55
CA HIS A 139 -4.58 -1.55 -21.04
C HIS A 139 -3.56 -1.45 -19.91
N ILE A 140 -3.77 -0.55 -18.95
CA ILE A 140 -2.88 -0.42 -17.80
C ILE A 140 -3.16 -1.56 -16.82
N HIS A 141 -2.11 -2.21 -16.34
CA HIS A 141 -2.24 -3.31 -15.38
C HIS A 141 -2.13 -2.85 -13.93
N ILE A 142 -1.20 -1.94 -13.66
CA ILE A 142 -0.76 -1.57 -12.32
C ILE A 142 -0.69 -0.05 -12.23
N TYR A 143 -1.31 0.53 -11.20
CA TYR A 143 -1.28 1.96 -10.92
C TYR A 143 -0.50 2.20 -9.63
N SER A 144 0.36 3.22 -9.64
CA SER A 144 1.22 3.54 -8.50
C SER A 144 0.99 4.99 -8.06
N ALA A 145 0.72 5.20 -6.76
CA ALA A 145 0.36 6.51 -6.25
C ALA A 145 1.23 6.85 -5.05
N SER A 146 2.07 7.89 -5.19
CA SER A 146 2.91 8.35 -4.10
C SER A 146 2.45 9.70 -3.56
N TRP A 147 1.15 9.80 -3.22
CA TRP A 147 0.52 11.02 -2.74
C TRP A 147 -0.68 10.61 -1.89
N GLY A 148 -1.25 11.57 -1.16
CA GLY A 148 -2.47 11.36 -0.43
C GLY A 148 -2.83 12.55 0.46
N PRO A 149 -3.74 12.33 1.42
CA PRO A 149 -4.15 13.41 2.33
C PRO A 149 -2.99 13.86 3.20
N GLU A 150 -3.12 15.08 3.74
CA GLU A 150 -2.04 15.72 4.50
C GLU A 150 -1.60 14.86 5.67
N ASP A 151 -0.28 14.78 5.88
CA ASP A 151 0.30 14.05 6.99
C ASP A 151 0.57 14.96 8.20
N ASP A 152 -0.41 15.78 8.59
CA ASP A 152 -0.20 16.64 9.75
C ASP A 152 -0.55 15.97 11.08
N GLY A 153 -1.04 14.73 11.04
CA GLY A 153 -1.36 14.07 12.29
C GLY A 153 -2.66 14.49 12.92
N LYS A 154 -3.50 15.26 12.21
CA LYS A 154 -4.84 15.57 12.70
C LYS A 154 -5.96 15.40 11.67
N THR A 155 -5.63 14.95 10.46
CA THR A 155 -6.60 14.79 9.38
C THR A 155 -7.17 13.38 9.37
N VAL A 156 -8.48 13.28 9.10
CA VAL A 156 -9.15 12.01 8.81
C VAL A 156 -9.85 12.19 7.46
N ASP A 157 -9.36 11.50 6.43
CA ASP A 157 -9.88 11.79 5.09
C ASP A 157 -9.58 10.60 4.18
N GLY A 158 -10.46 10.40 3.19
CA GLY A 158 -10.32 9.34 2.24
C GLY A 158 -10.98 9.67 0.91
N PRO A 159 -11.09 8.68 0.02
CA PRO A 159 -11.68 8.93 -1.29
C PRO A 159 -13.15 9.35 -1.16
N ALA A 160 -13.54 10.37 -1.93
CA ALA A 160 -14.94 10.75 -2.05
C ALA A 160 -15.63 9.84 -3.07
N ARG A 161 -16.88 10.16 -3.43
CA ARG A 161 -17.73 9.20 -4.12
C ARG A 161 -17.18 8.77 -5.48
N LEU A 162 -16.75 9.73 -6.31
CA LEU A 162 -16.26 9.35 -7.64
C LEU A 162 -15.01 8.50 -7.55
N ALA A 163 -14.10 8.84 -6.63
CA ALA A 163 -12.87 8.08 -6.47
C ALA A 163 -13.15 6.67 -5.95
N GLU A 164 -14.06 6.54 -4.99
CA GLU A 164 -14.39 5.21 -4.49
C GLU A 164 -15.06 4.38 -5.57
N GLU A 165 -15.93 5.00 -6.38
CA GLU A 165 -16.50 4.30 -7.54
C GLU A 165 -15.43 3.86 -8.53
N ALA A 166 -14.34 4.66 -8.69
CA ALA A 166 -13.26 4.24 -9.58
C ALA A 166 -12.55 3.00 -9.05
N PHE A 167 -12.32 2.92 -7.73
CA PHE A 167 -11.73 1.71 -7.15
C PHE A 167 -12.60 0.48 -7.40
N PHE A 168 -13.91 0.57 -7.15
CA PHE A 168 -14.75 -0.63 -7.29
C PHE A 168 -14.84 -1.06 -8.75
N ARG A 169 -14.97 -0.09 -9.68
CA ARG A 169 -14.97 -0.39 -11.11
C ARG A 169 -13.65 -1.04 -11.53
N GLY A 170 -12.53 -0.54 -11.00
CA GLY A 170 -11.23 -1.09 -11.36
C GLY A 170 -11.05 -2.54 -10.94
N VAL A 171 -11.34 -2.86 -9.66
CA VAL A 171 -11.13 -4.23 -9.20
C VAL A 171 -12.17 -5.19 -9.78
N SER A 172 -13.34 -4.69 -10.21
CA SER A 172 -14.38 -5.59 -10.71
C SER A 172 -14.24 -5.86 -12.20
N GLN A 173 -14.16 -4.81 -13.02
CA GLN A 173 -14.13 -4.94 -14.47
C GLN A 173 -12.76 -4.67 -15.11
N GLY A 174 -11.82 -4.04 -14.41
CA GLY A 174 -10.52 -3.78 -15.00
C GLY A 174 -9.71 -5.04 -15.26
N ARG A 175 -8.71 -4.90 -16.14
CA ARG A 175 -7.82 -6.00 -16.56
C ARG A 175 -8.61 -7.23 -17.01
N GLY A 176 -9.63 -7.00 -17.85
CA GLY A 176 -10.41 -8.11 -18.35
C GLY A 176 -11.25 -8.82 -17.31
N GLY A 177 -11.58 -8.15 -16.21
CA GLY A 177 -12.33 -8.76 -15.13
C GLY A 177 -11.47 -9.35 -14.03
N LEU A 178 -10.14 -9.32 -14.17
CA LEU A 178 -9.28 -9.79 -13.09
C LEU A 178 -9.04 -8.73 -12.04
N GLY A 179 -9.25 -7.44 -12.37
CA GLY A 179 -9.10 -6.35 -11.42
C GLY A 179 -7.79 -5.57 -11.50
N SER A 180 -7.89 -4.24 -11.58
CA SER A 180 -6.72 -3.37 -11.55
C SER A 180 -5.94 -3.56 -10.25
N ILE A 181 -4.62 -3.41 -10.34
CA ILE A 181 -3.74 -3.44 -9.18
C ILE A 181 -3.39 -2.01 -8.78
N PHE A 182 -3.79 -1.59 -7.57
CA PHE A 182 -3.50 -0.25 -7.04
C PHE A 182 -2.45 -0.34 -5.93
N VAL A 183 -1.32 0.35 -6.10
CA VAL A 183 -0.22 0.35 -5.12
C VAL A 183 -0.13 1.74 -4.51
N TRP A 184 -0.02 1.81 -3.18
CA TRP A 184 -0.06 3.08 -2.45
C TRP A 184 1.09 3.21 -1.47
N ALA A 185 1.65 4.43 -1.37
CA ALA A 185 2.63 4.75 -0.33
C ALA A 185 1.91 5.05 0.99
N SER A 186 2.36 4.43 2.09
CA SER A 186 1.59 4.51 3.34
C SER A 186 1.68 5.87 4.04
N GLY A 187 2.67 6.71 3.74
CA GLY A 187 2.65 8.08 4.23
C GLY A 187 3.98 8.52 4.86
N ASN A 188 4.09 9.85 5.04
CA ASN A 188 5.28 10.48 5.59
C ASN A 188 5.05 11.16 6.94
N GLY A 189 3.99 10.80 7.67
CA GLY A 189 3.65 11.54 8.87
C GLY A 189 4.27 11.10 10.19
N GLY A 190 5.40 10.39 10.13
CA GLY A 190 6.00 9.83 11.34
C GLY A 190 6.35 10.88 12.39
N ARG A 191 6.91 12.02 11.96
CA ARG A 191 7.31 13.05 12.92
C ARG A 191 6.10 13.67 13.63
N GLU A 192 4.94 13.68 12.98
CA GLU A 192 3.69 14.15 13.59
C GLU A 192 2.93 13.04 14.32
N HIS A 193 3.51 11.85 14.47
CA HIS A 193 2.83 10.70 15.09
C HIS A 193 1.51 10.38 14.37
N ASP A 194 1.52 10.47 13.04
CA ASP A 194 0.34 10.18 12.24
C ASP A 194 0.07 8.66 12.20
N SER A 195 -1.19 8.30 11.94
CA SER A 195 -1.63 6.92 11.78
C SER A 195 -2.16 6.71 10.37
N CYS A 196 -1.63 5.70 9.66
CA CYS A 196 -2.10 5.48 8.29
C CYS A 196 -3.48 4.80 8.23
N ASN A 197 -4.11 4.50 9.36
CA ASN A 197 -5.51 4.07 9.32
C ASN A 197 -6.47 5.25 9.22
N CYS A 198 -5.99 6.48 9.45
CA CYS A 198 -6.79 7.69 9.28
C CYS A 198 -6.73 8.22 7.85
N ASP A 199 -6.24 7.42 6.91
CA ASP A 199 -6.08 7.77 5.50
C ASP A 199 -6.87 6.72 4.73
N GLY A 200 -7.93 7.14 4.03
CA GLY A 200 -8.82 6.17 3.40
C GLY A 200 -8.23 5.47 2.19
N TYR A 201 -7.17 6.03 1.59
CA TYR A 201 -6.55 5.41 0.42
C TYR A 201 -5.70 4.21 0.81
N THR A 202 -4.86 4.39 1.84
CA THR A 202 -4.05 3.29 2.37
C THR A 202 -4.91 2.27 3.10
N ASN A 203 -5.90 2.75 3.86
CA ASN A 203 -6.80 1.91 4.64
C ASN A 203 -7.74 1.06 3.78
N SER A 204 -7.82 1.32 2.47
CA SER A 204 -8.75 0.60 1.60
C SER A 204 -8.30 -0.84 1.37
N ILE A 205 -9.27 -1.77 1.26
CA ILE A 205 -8.91 -3.15 0.93
C ILE A 205 -8.46 -3.28 -0.52
N TYR A 206 -8.81 -2.32 -1.39
CA TYR A 206 -8.46 -2.40 -2.81
C TYR A 206 -7.06 -1.90 -3.15
N THR A 207 -6.30 -1.37 -2.18
CA THR A 207 -4.93 -0.94 -2.44
C THR A 207 -3.96 -1.78 -1.63
N LEU A 208 -2.75 -1.97 -2.17
CA LEU A 208 -1.65 -2.57 -1.40
C LEU A 208 -0.83 -1.43 -0.81
N SER A 209 -0.99 -1.20 0.49
CA SER A 209 -0.30 -0.11 1.17
C SER A 209 1.10 -0.56 1.59
N ILE A 210 2.12 0.23 1.24
CA ILE A 210 3.53 -0.17 1.34
C ILE A 210 4.30 0.81 2.22
N SER A 211 5.00 0.29 3.25
CA SER A 211 5.84 1.11 4.13
C SER A 211 7.33 0.96 3.75
N SER A 212 8.21 1.56 4.58
CA SER A 212 9.64 1.74 4.28
C SER A 212 10.55 1.18 5.37
N ALA A 213 11.74 0.72 4.98
CA ALA A 213 12.81 0.40 5.92
C ALA A 213 14.10 1.08 5.50
N THR A 214 14.94 1.44 6.48
CA THR A 214 16.24 2.02 6.15
C THR A 214 17.25 0.91 5.83
N GLN A 215 18.40 1.32 5.27
CA GLN A 215 19.43 0.38 4.84
C GLN A 215 19.87 -0.54 5.98
N PHE A 216 20.02 0.00 7.18
CA PHE A 216 20.44 -0.82 8.32
C PHE A 216 19.26 -1.56 8.98
N GLY A 217 18.09 -1.57 8.35
CA GLY A 217 16.95 -2.33 8.86
C GLY A 217 16.16 -1.70 9.99
N ASN A 218 16.00 -0.38 9.97
CA ASN A 218 15.29 0.33 11.04
C ASN A 218 14.04 1.03 10.50
N VAL A 219 13.17 1.47 11.42
CA VAL A 219 11.95 2.21 11.10
C VAL A 219 12.33 3.67 10.85
N PRO A 220 12.16 4.19 9.63
CA PRO A 220 12.60 5.57 9.33
C PRO A 220 11.81 6.62 10.10
N TRP A 221 12.41 7.82 10.19
CA TRP A 221 11.80 8.90 10.96
C TRP A 221 10.42 9.28 10.43
N TYR A 222 10.19 9.18 9.12
CA TYR A 222 8.94 9.59 8.49
C TYR A 222 7.83 8.52 8.51
N SER A 223 8.15 7.30 8.94
CA SER A 223 7.22 6.16 8.81
C SER A 223 5.99 6.29 9.71
N GLU A 224 4.82 5.91 9.19
CA GLU A 224 3.58 5.83 9.95
C GLU A 224 3.22 4.38 10.22
N ALA A 225 2.82 4.08 11.45
CA ALA A 225 2.39 2.74 11.84
C ALA A 225 0.87 2.63 11.78
N CYS A 226 0.36 1.47 11.31
CA CYS A 226 -1.07 1.17 11.36
C CYS A 226 -1.31 -0.29 10.96
N SER A 227 -2.55 -0.77 11.18
CA SER A 227 -2.88 -2.17 10.90
C SER A 227 -3.23 -2.42 9.43
N SER A 228 -3.49 -1.39 8.62
CA SER A 228 -3.84 -1.64 7.23
C SER A 228 -2.62 -1.84 6.31
N THR A 229 -1.40 -1.54 6.76
CA THR A 229 -0.22 -1.76 5.93
C THR A 229 -0.03 -3.26 5.65
N LEU A 230 0.39 -3.58 4.41
CA LEU A 230 0.56 -4.97 4.01
C LEU A 230 2.01 -5.45 3.99
N ALA A 231 2.96 -4.63 3.53
CA ALA A 231 4.34 -5.06 3.38
C ALA A 231 5.24 -3.83 3.17
N THR A 232 6.53 -4.08 2.91
CA THR A 232 7.57 -3.06 3.03
C THR A 232 8.62 -3.18 1.91
N THR A 233 9.14 -2.03 1.47
CA THR A 233 10.37 -2.00 0.67
C THR A 233 11.35 -0.97 1.24
N TYR A 234 12.61 -1.08 0.82
CA TYR A 234 13.65 -0.17 1.28
C TYR A 234 13.45 1.24 0.76
N SER A 235 13.85 2.22 1.58
CA SER A 235 13.96 3.62 1.16
C SER A 235 15.04 4.32 2.01
N SER A 236 14.94 5.65 2.16
CA SER A 236 16.00 6.40 2.82
C SER A 236 15.88 6.35 4.35
N GLY A 237 16.95 6.77 5.03
CA GLY A 237 17.02 6.90 6.48
C GLY A 237 17.90 8.06 6.94
N ASN A 238 18.93 7.81 7.76
CA ASN A 238 19.82 8.88 8.21
C ASN A 238 20.92 9.13 7.16
N GLN A 239 21.81 10.06 7.46
CA GLN A 239 22.78 10.52 6.45
C GLN A 239 23.99 9.60 6.31
N ASN A 240 24.14 8.58 7.16
CA ASN A 240 25.09 7.51 6.93
C ASN A 240 24.50 6.34 6.13
N GLU A 241 23.20 6.36 5.84
CA GLU A 241 22.54 5.29 5.09
C GLU A 241 22.32 5.71 3.64
N LYS A 242 22.46 4.76 2.71
CA LYS A 242 22.33 5.07 1.29
C LYS A 242 20.85 5.30 0.89
N GLN A 243 20.66 5.86 -0.31
CA GLN A 243 19.32 6.25 -0.74
C GLN A 243 18.97 5.59 -2.07
N ILE A 244 17.95 6.11 -2.78
CA ILE A 244 17.42 5.45 -3.96
C ILE A 244 17.91 6.15 -5.22
N VAL A 245 18.30 5.36 -6.24
CA VAL A 245 18.90 5.85 -7.47
C VAL A 245 17.88 5.79 -8.60
N THR A 246 17.68 6.89 -9.31
CA THR A 246 16.63 6.90 -10.34
C THR A 246 16.84 8.07 -11.30
N THR A 247 15.94 8.13 -12.29
CA THR A 247 15.91 9.19 -13.30
C THR A 247 15.38 10.49 -12.70
N ASP A 248 15.98 11.61 -13.10
CA ASP A 248 15.60 12.92 -12.57
C ASP A 248 15.24 13.85 -13.71
N LEU A 249 14.59 14.95 -13.35
CA LEU A 249 14.13 15.93 -14.32
C LEU A 249 15.33 16.55 -15.08
N ARG A 250 15.05 17.06 -16.28
CA ARG A 250 16.05 17.62 -17.18
C ARG A 250 17.11 16.59 -17.58
N GLN A 251 16.67 15.34 -17.77
CA GLN A 251 17.49 14.28 -18.36
C GLN A 251 18.70 13.93 -17.49
N LYS A 252 18.58 14.13 -16.18
CA LYS A 252 19.66 13.89 -15.24
C LYS A 252 19.42 12.59 -14.48
N CYS A 253 20.40 12.22 -13.66
CA CYS A 253 20.37 11.03 -12.82
C CYS A 253 20.53 11.48 -11.38
N THR A 254 19.81 10.86 -10.45
CA THR A 254 19.89 11.23 -9.04
C THR A 254 20.17 10.00 -8.19
N GLU A 255 20.91 10.21 -7.10
CA GLU A 255 21.17 9.17 -6.12
C GLU A 255 20.53 9.48 -4.77
N SER A 256 19.62 10.45 -4.70
CA SER A 256 19.07 10.89 -3.42
C SER A 256 17.55 11.01 -3.43
N HIS A 257 16.85 10.03 -4.02
CA HIS A 257 15.41 9.91 -3.90
C HIS A 257 15.07 9.27 -2.54
N THR A 258 14.04 9.79 -1.87
CA THR A 258 13.83 9.53 -0.43
C THR A 258 12.36 9.33 -0.09
N GLY A 259 12.12 8.88 1.15
CA GLY A 259 10.80 8.93 1.77
C GLY A 259 9.87 7.80 1.35
N THR A 260 8.63 7.92 1.85
CA THR A 260 7.56 6.99 1.48
C THR A 260 7.34 6.97 -0.04
N SER A 261 7.61 8.10 -0.71
CA SER A 261 7.39 8.20 -2.16
C SER A 261 8.18 7.18 -2.95
N ALA A 262 9.36 6.78 -2.46
CA ALA A 262 10.19 5.84 -3.21
C ALA A 262 9.82 4.37 -2.96
N SER A 263 9.07 4.06 -1.90
CA SER A 263 8.79 2.66 -1.59
C SER A 263 7.71 2.05 -2.48
N ALA A 264 6.62 2.78 -2.75
CA ALA A 264 5.57 2.23 -3.58
C ALA A 264 6.04 1.90 -5.00
N PRO A 265 6.84 2.73 -5.69
CA PRO A 265 7.28 2.35 -7.05
C PRO A 265 8.11 1.08 -7.08
N LEU A 266 8.95 0.83 -6.08
CA LEU A 266 9.69 -0.44 -6.05
C LEU A 266 8.74 -1.63 -5.93
N ALA A 267 7.69 -1.49 -5.11
CA ALA A 267 6.71 -2.56 -5.01
C ALA A 267 5.96 -2.75 -6.32
N ALA A 268 5.60 -1.65 -6.99
CA ALA A 268 4.93 -1.77 -8.29
C ALA A 268 5.80 -2.54 -9.29
N GLY A 269 7.10 -2.27 -9.30
CA GLY A 269 8.01 -3.03 -10.17
C GLY A 269 8.02 -4.51 -9.87
N ILE A 270 8.13 -4.88 -8.59
CA ILE A 270 8.12 -6.29 -8.19
C ILE A 270 6.78 -6.95 -8.56
N ILE A 271 5.67 -6.21 -8.43
CA ILE A 271 4.40 -6.77 -8.87
C ILE A 271 4.36 -6.95 -10.38
N ALA A 272 5.03 -6.08 -11.13
CA ALA A 272 5.08 -6.24 -12.59
C ALA A 272 5.81 -7.54 -12.98
N LEU A 273 6.94 -7.84 -12.32
CA LEU A 273 7.62 -9.11 -12.57
C LEU A 273 6.71 -10.28 -12.25
N THR A 274 5.97 -10.20 -11.14
CA THR A 274 5.08 -11.30 -10.73
C THR A 274 3.96 -11.54 -11.75
N LEU A 275 3.37 -10.46 -12.27
CA LEU A 275 2.33 -10.59 -13.30
C LEU A 275 2.88 -11.24 -14.58
N GLU A 276 4.13 -10.92 -14.95
CA GLU A 276 4.72 -11.57 -16.13
C GLU A 276 4.80 -13.09 -15.93
N ALA A 277 5.11 -13.51 -14.71
CA ALA A 277 5.21 -14.94 -14.42
C ALA A 277 3.85 -15.64 -14.39
N ASN A 278 2.75 -14.91 -14.18
CA ASN A 278 1.40 -15.50 -14.26
C ASN A 278 0.42 -14.36 -14.54
N LYS A 279 0.06 -14.19 -15.81
CA LYS A 279 -0.82 -13.11 -16.24
C LYS A 279 -2.26 -13.27 -15.75
N ASN A 280 -2.63 -14.46 -15.26
CA ASN A 280 -4.01 -14.73 -14.86
C ASN A 280 -4.30 -14.41 -13.40
N LEU A 281 -3.36 -13.78 -12.68
CA LEU A 281 -3.57 -13.48 -11.27
C LEU A 281 -4.60 -12.37 -11.08
N THR A 282 -5.52 -12.56 -10.14
CA THR A 282 -6.51 -11.54 -9.81
C THR A 282 -5.93 -10.54 -8.80
N TRP A 283 -6.68 -9.45 -8.58
CA TRP A 283 -6.25 -8.44 -7.61
C TRP A 283 -6.12 -9.04 -6.21
N ARG A 284 -6.99 -10.00 -5.86
CA ARG A 284 -6.88 -10.65 -4.55
C ARG A 284 -5.76 -11.70 -4.52
N ASP A 285 -5.58 -12.45 -5.61
CA ASP A 285 -4.41 -13.33 -5.73
C ASP A 285 -3.13 -12.58 -5.39
N MET A 286 -2.98 -11.35 -5.90
CA MET A 286 -1.72 -10.65 -5.74
C MET A 286 -1.44 -10.34 -4.28
N GLN A 287 -2.48 -10.01 -3.50
CA GLN A 287 -2.28 -9.73 -2.08
C GLN A 287 -1.99 -11.03 -1.30
N HIS A 288 -2.62 -12.15 -1.67
CA HIS A 288 -2.25 -13.44 -1.07
C HIS A 288 -0.76 -13.73 -1.25
N LEU A 289 -0.23 -13.57 -2.46
CA LEU A 289 1.19 -13.80 -2.74
C LEU A 289 2.08 -12.94 -1.88
N VAL A 290 1.74 -11.65 -1.73
CA VAL A 290 2.51 -10.74 -0.88
C VAL A 290 2.52 -11.22 0.57
N VAL A 291 1.36 -11.67 1.08
CA VAL A 291 1.28 -12.11 2.47
C VAL A 291 2.16 -13.34 2.70
N GLN A 292 2.12 -14.30 1.77
CA GLN A 292 2.84 -15.56 1.98
C GLN A 292 4.36 -15.42 1.81
N THR A 293 4.83 -14.51 0.94
CA THR A 293 6.26 -14.51 0.60
C THR A 293 7.09 -13.41 1.28
N SER A 294 6.48 -12.42 1.94
CA SER A 294 7.29 -11.34 2.50
C SER A 294 8.07 -11.80 3.74
N LYS A 295 9.19 -11.11 4.01
CA LYS A 295 10.23 -11.57 4.92
C LYS A 295 10.44 -10.61 6.09
N PRO A 296 10.22 -11.04 7.34
CA PRO A 296 10.48 -10.13 8.47
C PRO A 296 11.95 -10.02 8.87
N ALA A 297 12.79 -10.99 8.50
CA ALA A 297 14.09 -11.19 9.13
C ALA A 297 14.95 -9.92 9.14
N HIS A 298 15.44 -9.56 10.32
CA HIS A 298 16.39 -8.47 10.55
C HIS A 298 15.79 -7.08 10.37
N LEU A 299 14.49 -6.95 10.18
CA LEU A 299 13.83 -5.66 10.34
C LEU A 299 13.62 -5.45 11.83
N ASN A 300 14.16 -4.36 12.38
CA ASN A 300 14.04 -4.06 13.81
C ASN A 300 12.75 -3.31 14.09
N ALA A 301 11.99 -3.81 15.07
CA ALA A 301 10.77 -3.19 15.57
C ALA A 301 10.47 -3.78 16.95
N ASN A 302 9.79 -3.00 17.79
CA ASN A 302 9.44 -3.51 19.11
C ASN A 302 8.07 -4.19 19.18
N ASP A 303 7.32 -4.26 18.06
CA ASP A 303 5.95 -4.76 18.13
C ASP A 303 5.72 -6.01 17.28
N TRP A 304 6.78 -6.73 16.89
CA TRP A 304 6.59 -7.98 16.14
C TRP A 304 5.73 -8.95 16.95
N ALA A 305 4.72 -9.53 16.30
CA ALA A 305 3.82 -10.50 16.92
C ALA A 305 3.52 -11.62 15.94
N THR A 306 3.26 -12.80 16.49
CA THR A 306 2.90 -13.96 15.68
C THR A 306 1.38 -14.11 15.71
N ASN A 307 0.78 -14.24 14.52
CA ASN A 307 -0.68 -14.23 14.44
C ASN A 307 -1.21 -15.67 14.55
N GLY A 308 -2.49 -15.88 14.23
CA GLY A 308 -3.12 -17.17 14.49
C GLY A 308 -2.66 -18.29 13.58
N VAL A 309 -2.03 -17.97 12.46
CA VAL A 309 -1.53 -19.00 11.55
C VAL A 309 -0.01 -19.02 11.51
N GLY A 310 0.65 -18.46 12.53
CA GLY A 310 2.09 -18.58 12.66
C GLY A 310 2.93 -17.61 11.87
N ARG A 311 2.35 -16.53 11.34
CA ARG A 311 3.10 -15.53 10.58
C ARG A 311 3.43 -14.33 11.47
N LYS A 312 4.66 -13.83 11.34
CA LYS A 312 5.09 -12.63 12.07
C LYS A 312 4.56 -11.39 11.37
N VAL A 313 4.04 -10.44 12.16
CA VAL A 313 3.43 -9.24 11.59
C VAL A 313 3.70 -8.05 12.51
N SER A 314 3.93 -6.87 11.92
CA SER A 314 4.25 -5.63 12.64
C SER A 314 3.42 -4.47 12.10
N HIS A 315 3.11 -3.50 12.97
CA HIS A 315 2.38 -2.33 12.48
C HIS A 315 3.28 -1.37 11.71
N SER A 316 4.60 -1.47 11.86
CA SER A 316 5.51 -0.63 11.07
C SER A 316 5.77 -1.22 9.68
N TYR A 317 5.71 -2.54 9.55
CA TYR A 317 6.19 -3.23 8.37
C TYR A 317 5.19 -4.18 7.70
N GLY A 318 4.00 -4.39 8.28
CA GLY A 318 3.11 -5.38 7.71
C GLY A 318 3.73 -6.76 7.85
N TYR A 319 3.71 -7.56 6.79
CA TYR A 319 4.34 -8.88 6.82
C TYR A 319 5.84 -8.86 6.49
N GLY A 320 6.43 -7.69 6.26
CA GLY A 320 7.86 -7.57 6.09
C GLY A 320 8.27 -7.14 4.69
N LEU A 321 9.54 -7.40 4.37
CA LEU A 321 10.14 -6.95 3.13
C LEU A 321 9.68 -7.81 1.95
N LEU A 322 9.33 -7.16 0.84
CA LEU A 322 9.03 -7.92 -0.37
C LEU A 322 10.25 -8.73 -0.81
N ASP A 323 9.97 -9.89 -1.44
CA ASP A 323 10.98 -10.84 -1.92
C ASP A 323 10.63 -11.19 -3.36
N ALA A 324 11.35 -10.59 -4.32
CA ALA A 324 10.96 -10.70 -5.72
C ALA A 324 11.15 -12.13 -6.24
N GLY A 325 12.27 -12.78 -5.90
CA GLY A 325 12.49 -14.14 -6.35
C GLY A 325 11.44 -15.11 -5.85
N ALA A 326 10.99 -14.94 -4.61
CA ALA A 326 9.96 -15.81 -4.06
C ALA A 326 8.59 -15.53 -4.70
N MET A 327 8.28 -14.25 -4.96
CA MET A 327 7.01 -13.89 -5.59
C MET A 327 6.85 -14.57 -6.94
N VAL A 328 7.87 -14.47 -7.81
CA VAL A 328 7.72 -15.00 -9.17
C VAL A 328 7.71 -16.52 -9.16
N ALA A 329 8.41 -17.14 -8.20
CA ALA A 329 8.38 -18.60 -8.11
C ALA A 329 7.01 -19.09 -7.69
N LEU A 330 6.44 -18.49 -6.65
CA LEU A 330 5.12 -18.92 -6.17
C LEU A 330 4.02 -18.60 -7.16
N ALA A 331 4.20 -17.55 -7.97
CA ALA A 331 3.15 -17.15 -8.91
C ALA A 331 2.91 -18.21 -9.98
N GLN A 332 3.95 -18.95 -10.37
CA GLN A 332 3.88 -19.72 -11.61
C GLN A 332 2.84 -20.85 -11.54
N ASN A 333 2.69 -21.50 -10.39
CA ASN A 333 1.67 -22.54 -10.27
C ASN A 333 0.57 -22.19 -9.26
N TRP A 334 0.34 -20.89 -9.05
CA TRP A 334 -0.70 -20.43 -8.13
C TRP A 334 -2.09 -20.79 -8.65
N THR A 335 -2.93 -21.34 -7.77
CA THR A 335 -4.33 -21.64 -8.08
C THR A 335 -5.22 -20.47 -7.63
N THR A 336 -6.02 -19.96 -8.57
CA THR A 336 -6.87 -18.80 -8.31
C THR A 336 -7.74 -19.01 -7.08
N VAL A 337 -7.84 -17.97 -6.23
CA VAL A 337 -8.69 -18.06 -5.04
C VAL A 337 -10.17 -18.05 -5.44
N ALA A 338 -11.01 -18.54 -4.53
CA ALA A 338 -12.45 -18.59 -4.73
C ALA A 338 -13.03 -17.16 -4.71
N PRO A 339 -14.27 -16.97 -5.17
CA PRO A 339 -14.87 -15.63 -5.14
C PRO A 339 -14.93 -15.09 -3.72
N GLN A 340 -14.83 -13.76 -3.59
CA GLN A 340 -14.80 -13.13 -2.28
C GLN A 340 -16.19 -13.11 -1.65
N ARG A 341 -16.28 -13.54 -0.38
CA ARG A 341 -17.49 -13.42 0.41
C ARG A 341 -17.37 -12.26 1.39
N LYS A 342 -18.52 -11.77 1.84
CA LYS A 342 -18.63 -10.63 2.75
C LYS A 342 -19.70 -10.92 3.80
N CYS A 343 -19.32 -10.92 5.08
CA CYS A 343 -20.23 -11.23 6.18
C CYS A 343 -20.31 -10.01 7.10
N ILE A 344 -21.53 -9.48 7.28
CA ILE A 344 -21.78 -8.22 7.99
C ILE A 344 -22.39 -8.54 9.35
N ILE A 345 -21.78 -8.05 10.44
CA ILE A 345 -22.25 -8.32 11.80
C ILE A 345 -22.40 -6.99 12.54
N ASP A 346 -23.64 -6.59 12.85
CA ASP A 346 -23.90 -5.37 13.61
C ASP A 346 -23.84 -5.73 15.10
N ILE A 347 -22.89 -5.16 15.83
CA ILE A 347 -22.52 -5.66 17.14
C ILE A 347 -23.40 -5.09 18.24
N LEU A 348 -23.63 -3.77 18.23
CA LEU A 348 -24.22 -3.10 19.39
C LEU A 348 -25.74 -3.23 19.44
N THR A 349 -26.27 -3.46 20.65
CA THR A 349 -27.71 -3.36 20.88
C THR A 349 -28.14 -1.98 21.38
N GLU A 350 -27.22 -1.19 21.92
CA GLU A 350 -27.51 0.13 22.46
C GLU A 350 -26.20 0.92 22.54
N PRO A 351 -26.27 2.26 22.58
CA PRO A 351 -25.03 3.05 22.67
C PRO A 351 -24.36 2.86 24.01
N LYS A 352 -23.03 3.09 24.02
CA LYS A 352 -22.20 2.91 25.21
C LYS A 352 -21.37 4.16 25.45
N ASP A 353 -21.32 4.60 26.72
CA ASP A 353 -20.43 5.69 27.10
C ASP A 353 -18.99 5.21 27.13
N ILE A 354 -18.07 6.04 26.63
CA ILE A 354 -16.67 5.63 26.57
C ILE A 354 -15.99 5.83 27.92
N GLY A 355 -16.11 7.03 28.51
CA GLY A 355 -15.46 7.25 29.79
C GLY A 355 -13.95 7.11 29.70
N LYS A 356 -13.35 6.53 30.75
CA LYS A 356 -11.90 6.29 30.73
C LYS A 356 -11.53 5.10 29.86
N ARG A 357 -12.40 4.10 29.80
CA ARG A 357 -12.12 2.86 29.07
C ARG A 357 -13.43 2.13 28.79
N LEU A 358 -13.54 1.58 27.59
CA LEU A 358 -14.68 0.79 27.17
C LEU A 358 -14.21 -0.47 26.47
N GLU A 359 -14.86 -1.59 26.79
CA GLU A 359 -14.56 -2.88 26.19
C GLU A 359 -15.85 -3.54 25.73
N VAL A 360 -15.92 -3.91 24.45
CA VAL A 360 -17.09 -4.55 23.85
C VAL A 360 -16.68 -5.94 23.37
N ARG A 361 -17.34 -6.97 23.90
CA ARG A 361 -17.05 -8.37 23.56
C ARG A 361 -18.23 -8.98 22.83
N LYS A 362 -17.95 -9.75 21.78
CA LYS A 362 -19.02 -10.32 20.99
C LYS A 362 -18.58 -11.62 20.32
N THR A 363 -19.36 -12.68 20.51
CA THR A 363 -19.10 -13.97 19.89
C THR A 363 -19.91 -14.07 18.60
N VAL A 364 -19.24 -14.41 17.49
CA VAL A 364 -19.90 -14.42 16.19
C VAL A 364 -19.76 -15.80 15.53
N THR A 365 -20.70 -16.11 14.63
CA THR A 365 -20.63 -17.34 13.85
C THR A 365 -20.06 -17.14 12.45
N ALA A 366 -19.90 -15.89 12.01
CA ALA A 366 -19.33 -15.57 10.70
C ALA A 366 -20.20 -16.14 9.57
N CYS A 367 -21.51 -15.92 9.70
CA CYS A 367 -22.51 -16.29 8.69
C CYS A 367 -22.57 -17.80 8.46
N LEU A 368 -22.37 -18.59 9.52
CA LEU A 368 -22.56 -20.04 9.49
C LEU A 368 -23.91 -20.40 8.88
N GLY A 369 -23.89 -21.37 7.96
CA GLY A 369 -25.09 -21.85 7.31
C GLY A 369 -25.53 -21.10 6.08
N GLU A 370 -24.85 -20.01 5.73
CA GLU A 370 -25.30 -19.10 4.68
C GLU A 370 -24.29 -19.07 3.54
N PRO A 371 -24.69 -18.57 2.37
CA PRO A 371 -23.75 -18.57 1.23
C PRO A 371 -22.52 -17.71 1.45
N ASN A 372 -22.55 -16.76 2.38
CA ASN A 372 -21.37 -15.94 2.66
C ASN A 372 -20.62 -16.38 3.93
N HIS A 373 -20.81 -17.64 4.37
CA HIS A 373 -20.00 -18.21 5.44
C HIS A 373 -18.50 -18.09 5.14
N ILE A 374 -17.72 -17.59 6.11
CA ILE A 374 -16.28 -17.37 5.96
C ILE A 374 -15.54 -18.16 7.04
N THR A 375 -14.70 -19.11 6.59
CA THR A 375 -13.76 -19.79 7.48
C THR A 375 -12.31 -19.36 7.27
N ARG A 376 -12.02 -18.61 6.21
CA ARG A 376 -10.65 -18.22 5.84
C ARG A 376 -10.65 -16.72 5.58
N LEU A 377 -10.22 -15.93 6.56
CA LEU A 377 -10.35 -14.48 6.50
C LEU A 377 -9.28 -13.84 5.59
N GLU A 378 -9.64 -12.71 4.97
CA GLU A 378 -8.67 -11.85 4.28
C GLU A 378 -8.61 -10.57 5.06
N HIS A 379 -9.22 -9.47 4.61
CA HIS A 379 -9.31 -8.22 5.37
C HIS A 379 -10.45 -8.27 6.39
N ALA A 380 -10.28 -7.55 7.51
CA ALA A 380 -11.39 -7.31 8.43
C ALA A 380 -11.51 -5.82 8.72
N GLN A 381 -12.73 -5.32 8.83
CA GLN A 381 -12.99 -3.92 9.17
C GLN A 381 -13.83 -3.82 10.44
N ALA A 382 -13.51 -2.83 11.27
CA ALA A 382 -14.40 -2.40 12.36
C ALA A 382 -14.89 -1.00 12.02
N ARG A 383 -16.15 -0.88 11.57
CA ARG A 383 -16.71 0.41 11.17
C ARG A 383 -17.36 1.07 12.38
N LEU A 384 -16.80 2.19 12.83
CA LEU A 384 -17.15 2.78 14.10
C LEU A 384 -17.79 4.15 13.92
N THR A 385 -18.86 4.41 14.67
CA THR A 385 -19.43 5.75 14.79
C THR A 385 -19.40 6.16 16.25
N LEU A 386 -18.78 7.31 16.55
CA LEU A 386 -18.63 7.73 17.94
C LEU A 386 -18.41 9.22 18.04
N SER A 387 -18.81 9.79 19.17
CA SER A 387 -18.50 11.17 19.51
C SER A 387 -17.45 11.20 20.63
N TYR A 388 -16.62 12.25 20.62
CA TYR A 388 -15.62 12.44 21.65
C TYR A 388 -15.16 13.89 21.62
N ASN A 389 -14.65 14.38 22.76
CA ASN A 389 -14.33 15.80 22.84
C ASN A 389 -12.93 16.13 22.31
N ARG A 390 -11.94 15.22 22.41
CA ARG A 390 -10.60 15.44 21.82
C ARG A 390 -10.12 14.14 21.18
N ARG A 391 -10.25 14.05 19.85
CA ARG A 391 -10.14 12.77 19.14
C ARG A 391 -8.78 12.12 19.34
N GLY A 392 -7.70 12.91 19.33
CA GLY A 392 -6.35 12.35 19.38
C GLY A 392 -5.96 11.72 20.73
N ASP A 393 -6.79 11.83 21.75
CA ASP A 393 -6.50 11.11 23.00
C ASP A 393 -6.96 9.66 22.97
N LEU A 394 -7.72 9.24 21.95
CA LEU A 394 -8.22 7.87 21.87
C LEU A 394 -7.16 6.89 21.36
N ALA A 395 -7.15 5.70 21.94
CA ALA A 395 -6.47 4.55 21.35
C ALA A 395 -7.47 3.41 21.21
N ILE A 396 -7.42 2.70 20.08
CA ILE A 396 -8.41 1.68 19.76
C ILE A 396 -7.71 0.41 19.32
N HIS A 397 -8.10 -0.73 19.92
CA HIS A 397 -7.55 -2.05 19.60
C HIS A 397 -8.68 -3.04 19.33
N LEU A 398 -8.39 -4.01 18.46
CA LEU A 398 -9.31 -5.10 18.11
C LEU A 398 -8.58 -6.44 18.21
N VAL A 399 -9.18 -7.39 18.94
CA VAL A 399 -8.57 -8.70 19.17
C VAL A 399 -9.42 -9.77 18.47
N SER A 400 -8.77 -10.59 17.63
CA SER A 400 -9.47 -11.64 16.90
C SER A 400 -9.62 -12.89 17.76
N PRO A 401 -10.52 -13.83 17.37
CA PRO A 401 -10.69 -15.05 18.19
C PRO A 401 -9.42 -15.88 18.34
N MET A 402 -8.48 -15.79 17.40
N MET A 402 -8.49 -15.80 17.40
CA MET A 402 -7.23 -16.51 17.49
CA MET A 402 -7.24 -16.54 17.53
C MET A 402 -6.19 -15.80 18.36
C MET A 402 -6.18 -15.75 18.29
N GLY A 403 -6.56 -14.68 18.98
CA GLY A 403 -5.66 -13.97 19.88
C GLY A 403 -4.81 -12.85 19.28
N THR A 404 -5.05 -12.45 18.03
CA THR A 404 -4.21 -11.43 17.38
C THR A 404 -4.75 -10.02 17.70
N ARG A 405 -3.91 -9.20 18.30
CA ARG A 405 -4.28 -7.84 18.71
C ARG A 405 -3.85 -6.83 17.64
N SER A 406 -4.82 -6.18 17.01
CA SER A 406 -4.55 -5.16 15.99
C SER A 406 -4.77 -3.77 16.58
N THR A 407 -3.79 -2.87 16.38
CA THR A 407 -3.97 -1.47 16.76
C THR A 407 -4.70 -0.75 15.63
N LEU A 408 -5.98 -0.42 15.86
CA LEU A 408 -6.74 0.31 14.85
C LEU A 408 -6.41 1.81 14.88
N LEU A 409 -6.07 2.35 16.05
CA LEU A 409 -5.80 3.77 16.21
C LEU A 409 -4.89 3.96 17.41
N ALA A 410 -3.73 4.57 17.20
CA ALA A 410 -2.87 5.00 18.30
C ALA A 410 -3.12 6.48 18.59
N ALA A 411 -2.63 6.93 19.74
CA ALA A 411 -2.79 8.34 20.11
C ALA A 411 -2.17 9.26 19.07
N ARG A 412 -2.84 10.38 18.80
CA ARG A 412 -2.32 11.41 17.89
C ARG A 412 -2.29 12.73 18.63
N PRO A 413 -1.14 13.13 19.18
CA PRO A 413 -1.08 14.32 20.04
C PRO A 413 -1.62 15.60 19.43
N HIS A 414 -1.45 15.80 18.11
CA HIS A 414 -1.91 17.02 17.45
C HIS A 414 -3.39 17.01 17.09
N ASP A 415 -4.10 15.89 17.23
CA ASP A 415 -5.51 15.80 16.80
C ASP A 415 -6.41 16.30 17.94
N TYR A 416 -6.84 17.55 17.85
CA TYR A 416 -7.72 18.15 18.84
C TYR A 416 -9.20 18.11 18.44
N SER A 417 -9.53 17.47 17.32
CA SER A 417 -10.88 17.57 16.76
C SER A 417 -11.94 17.10 17.75
N ALA A 418 -13.08 17.77 17.73
CA ALA A 418 -14.28 17.31 18.42
C ALA A 418 -15.27 16.64 17.49
N ASP A 419 -14.87 16.32 16.25
CA ASP A 419 -15.80 15.76 15.26
C ASP A 419 -15.96 14.24 15.35
N GLY A 420 -15.18 13.54 16.16
CA GLY A 420 -15.36 12.07 16.26
C GLY A 420 -15.11 11.32 14.96
N PHE A 421 -15.70 10.13 14.87
CA PHE A 421 -15.65 9.29 13.66
C PHE A 421 -17.05 8.97 13.19
N ASN A 422 -17.29 9.16 11.89
CA ASN A 422 -18.62 8.98 11.30
C ASN A 422 -18.57 7.76 10.38
N ASP A 423 -18.84 6.58 10.94
CA ASP A 423 -18.79 5.29 10.22
C ASP A 423 -17.46 5.10 9.48
N TRP A 424 -16.35 5.25 10.22
CA TRP A 424 -15.01 5.12 9.64
C TRP A 424 -14.57 3.65 9.68
N ALA A 425 -14.13 3.12 8.54
CA ALA A 425 -13.87 1.68 8.39
C ALA A 425 -12.42 1.32 8.68
N PHE A 426 -12.05 1.28 9.98
CA PHE A 426 -10.69 0.88 10.36
C PHE A 426 -10.39 -0.53 9.86
N MET A 427 -9.23 -0.74 9.22
CA MET A 427 -8.97 -2.02 8.56
C MET A 427 -7.70 -2.68 9.09
N THR A 428 -7.74 -4.02 9.20
CA THR A 428 -6.54 -4.75 9.61
C THR A 428 -6.25 -5.90 8.65
N THR A 429 -4.96 -6.06 8.31
CA THR A 429 -4.45 -7.18 7.53
C THR A 429 -3.86 -8.27 8.40
N HIS A 430 -3.80 -8.06 9.72
CA HIS A 430 -2.98 -8.90 10.59
C HIS A 430 -3.61 -10.26 10.92
N SER A 431 -4.87 -10.50 10.54
CA SER A 431 -5.55 -11.77 10.80
C SER A 431 -5.79 -12.56 9.52
N TRP A 432 -5.14 -12.18 8.42
CA TRP A 432 -5.21 -12.90 7.15
C TRP A 432 -5.01 -14.41 7.34
N ASP A 433 -5.93 -15.20 6.76
CA ASP A 433 -6.01 -16.67 6.78
C ASP A 433 -6.48 -17.26 8.11
N GLU A 434 -6.84 -16.45 9.12
CA GLU A 434 -7.41 -16.99 10.35
C GLU A 434 -8.88 -17.36 10.16
N ASP A 435 -9.37 -18.27 11.02
CA ASP A 435 -10.80 -18.54 11.12
C ASP A 435 -11.44 -17.46 11.97
N PRO A 436 -12.39 -16.68 11.46
CA PRO A 436 -12.95 -15.55 12.23
C PRO A 436 -14.15 -15.90 13.12
N SER A 437 -14.53 -17.17 13.23
CA SER A 437 -15.61 -17.57 14.14
C SER A 437 -15.15 -17.47 15.58
N GLY A 438 -16.02 -16.99 16.47
CA GLY A 438 -15.62 -16.91 17.88
C GLY A 438 -15.72 -15.52 18.48
N GLU A 439 -15.00 -15.26 19.58
CA GLU A 439 -15.13 -14.00 20.28
C GLU A 439 -14.16 -12.94 19.74
N TRP A 440 -14.69 -11.77 19.38
CA TRP A 440 -13.91 -10.58 19.04
C TRP A 440 -14.03 -9.59 20.19
N VAL A 441 -12.97 -8.80 20.41
CA VAL A 441 -12.94 -7.80 21.47
C VAL A 441 -12.50 -6.45 20.90
N LEU A 442 -13.29 -5.41 21.17
CA LEU A 442 -12.94 -4.03 20.83
C LEU A 442 -12.64 -3.26 22.12
N GLU A 443 -11.52 -2.55 22.14
CA GLU A 443 -11.10 -1.74 23.28
C GLU A 443 -10.92 -0.30 22.85
N ILE A 444 -11.57 0.62 23.55
CA ILE A 444 -11.43 2.07 23.35
C ILE A 444 -10.99 2.69 24.68
N GLU A 445 -9.87 3.43 24.67
CA GLU A 445 -9.39 4.00 25.93
C GLU A 445 -8.89 5.43 25.75
N ASN A 446 -9.00 6.17 26.85
CA ASN A 446 -8.48 7.55 26.96
C ASN A 446 -7.03 7.47 27.43
N THR A 447 -6.08 7.88 26.59
CA THR A 447 -4.67 7.78 26.96
C THR A 447 -4.16 9.00 27.72
N SER A 448 -5.01 9.97 28.03
CA SER A 448 -4.57 11.16 28.73
C SER A 448 -5.22 11.24 30.10
N GLU A 449 -4.68 12.12 30.95
CA GLU A 449 -5.25 12.30 32.28
C GLU A 449 -6.44 13.24 32.29
N ALA A 450 -6.77 13.88 31.17
CA ALA A 450 -7.92 14.78 31.12
C ALA A 450 -9.23 14.03 31.28
N ASN A 451 -10.26 14.74 31.74
CA ASN A 451 -11.59 14.14 31.92
C ASN A 451 -12.38 14.29 30.63
N ASN A 452 -12.12 13.37 29.69
CA ASN A 452 -12.77 13.39 28.39
C ASN A 452 -14.07 12.58 28.41
N TYR A 453 -14.94 12.83 27.44
CA TYR A 453 -16.28 12.23 27.43
C TYR A 453 -16.75 12.00 26.00
N GLY A 454 -17.58 10.98 25.81
CA GLY A 454 -18.17 10.68 24.52
C GLY A 454 -18.90 9.35 24.55
N THR A 455 -19.42 8.97 23.38
CA THR A 455 -20.33 7.83 23.25
C THR A 455 -20.09 7.07 21.95
N LEU A 456 -20.06 5.74 22.03
CA LEU A 456 -19.98 4.86 20.87
C LEU A 456 -21.40 4.46 20.47
N THR A 457 -21.83 4.86 19.26
CA THR A 457 -23.21 4.59 18.85
C THR A 457 -23.34 3.48 17.80
N LYS A 458 -22.28 3.13 17.08
CA LYS A 458 -22.37 2.01 16.15
C LYS A 458 -21.03 1.30 15.99
N PHE A 459 -21.08 -0.04 15.90
CA PHE A 459 -19.90 -0.88 15.67
C PHE A 459 -20.32 -2.02 14.76
N THR A 460 -19.93 -1.96 13.49
CA THR A 460 -20.18 -3.01 12.51
C THR A 460 -18.86 -3.74 12.24
N LEU A 461 -18.84 -5.05 12.46
CA LEU A 461 -17.69 -5.86 12.08
C LEU A 461 -17.93 -6.41 10.69
N VAL A 462 -17.06 -6.12 9.74
CA VAL A 462 -17.21 -6.58 8.36
C VAL A 462 -16.06 -7.53 8.03
N LEU A 463 -16.39 -8.77 7.67
CA LEU A 463 -15.40 -9.79 7.34
C LEU A 463 -15.44 -10.11 5.86
N TYR A 464 -14.25 -10.23 5.25
CA TYR A 464 -14.07 -10.63 3.86
C TYR A 464 -13.26 -11.93 3.81
N GLY A 465 -13.60 -12.83 2.90
CA GLY A 465 -12.77 -14.02 2.72
C GLY A 465 -13.49 -15.13 1.97
N THR A 466 -13.06 -16.37 2.23
CA THR A 466 -13.56 -17.56 1.53
C THR A 466 -13.83 -18.66 2.56
N ALA A 467 -14.23 -19.83 2.07
CA ALA A 467 -14.41 -21.01 2.91
C ALA A 467 -13.70 -22.23 2.31
N SER A 468 -12.53 -22.06 1.72
CA SER A 468 -11.83 -23.19 1.12
C SER A 468 -10.37 -22.84 0.86
N GLY A 469 -9.57 -23.90 0.67
CA GLY A 469 -8.26 -23.77 0.07
C GLY A 469 -7.11 -23.41 1.00
N SER A 470 -7.22 -23.75 2.28
CA SER A 470 -6.25 -23.27 3.25
C SER A 470 -4.96 -24.11 3.23
N LEU A 471 -3.91 -23.52 3.81
CA LEU A 471 -2.57 -24.09 3.82
C LEU A 471 -2.13 -24.31 5.27
N VAL A 472 -1.25 -25.28 5.48
CA VAL A 472 -0.82 -25.61 6.85
C VAL A 472 0.08 -24.50 7.38
N PRO A 473 -0.21 -23.94 8.57
CA PRO A 473 0.60 -22.94 9.27
C PRO A 473 1.89 -23.51 9.83
N ARG B 2 -3.81 22.94 0.10
CA ARG B 2 -3.93 21.82 -0.86
C ARG B 2 -4.70 20.63 -0.25
N ARG B 3 -5.58 20.04 -1.08
CA ARG B 3 -6.41 18.89 -0.66
C ARG B 3 -5.54 17.61 -0.58
N ARG B 4 -4.61 17.44 -1.57
CA ARG B 4 -3.71 16.26 -1.61
C ARG B 4 -2.24 16.72 -1.76
N LYS B 6 2.15 15.54 -2.23
CA LYS B 6 3.14 14.58 -2.75
C LYS B 6 3.72 13.90 -1.51
#